data_3O23
#
_entry.id   3O23
#
_cell.length_a   49.768
_cell.length_b   48.755
_cell.length_c   70.730
_cell.angle_alpha   90.00
_cell.angle_beta   98.74
_cell.angle_gamma   90.00
#
_symmetry.space_group_name_H-M   'P 1 21 1'
#
loop_
_entity.id
_entity.type
_entity.pdbx_description
1 polymer 'Insulin-like growth factor 1 receptor'
2 non-polymer (5S)-5-methyl-1-(quinolin-4-ylmethyl)-3-{4-[(trifluoromethyl)sulfonyl]phenyl}imidazolidine-2,4-dione
3 water water
#
_entity_poly.entity_id   1
_entity_poly.type   'polypeptide(L)'
_entity_poly.pdbx_seq_one_letter_code
;SAADVFVPDEWEVAREKITMSRELGQGSFGMVYEGVAKGVVKDEPETRVAIKTVNEAASMRERIEFLNEASVMKEFNCHH
VVRLLGVVSQGQPTLVIMELMTRGDLKSYLRSLRPEMENNPVLAPPSLSKMIQMAGEIADGMAYLNANKFVHRDLAARNC
MVAEDFTVKIGDFGMTRDIYETDYYRKGGKGLLPVRWMSPESLKDGVFTTYSDVWSFGVVLWEIATLAEQPYQGLSNEQV
LRFVMEGGLLDKPDNCPDMLFELMRMCWQYNPKMRPSFLEIISSIKEEMEPGFREVSFYYSEENK
;
_entity_poly.pdbx_strand_id   A
#
loop_
_chem_comp.id
_chem_comp.type
_chem_comp.name
_chem_comp.formula
MQY non-polymer (5S)-5-methyl-1-(quinolin-4-ylmethyl)-3-{4-[(trifluoromethyl)sulfonyl]phenyl}imidazolidine-2,4-dione 'C21 H16 F3 N3 O4 S'
#
# COMPACT_ATOMS: atom_id res chain seq x y z
N GLU A 10 -10.53 -23.81 10.08
CA GLU A 10 -9.33 -23.07 10.59
C GLU A 10 -9.61 -21.57 10.54
N TRP A 11 -9.68 -21.05 9.31
CA TRP A 11 -9.96 -19.64 9.10
C TRP A 11 -11.43 -19.45 8.76
N GLU A 12 -12.09 -20.55 8.39
CA GLU A 12 -13.51 -20.49 8.05
C GLU A 12 -14.25 -19.95 9.28
N VAL A 13 -15.21 -19.07 9.04
CA VAL A 13 -15.98 -18.48 10.14
C VAL A 13 -17.48 -18.43 9.84
N ALA A 14 -18.29 -18.43 10.90
CA ALA A 14 -19.74 -18.40 10.77
C ALA A 14 -20.21 -17.17 10.02
N ARG A 15 -20.72 -17.37 8.80
CA ARG A 15 -21.21 -16.26 7.99
C ARG A 15 -22.34 -15.54 8.69
N GLU A 16 -22.97 -16.23 9.64
CA GLU A 16 -24.07 -15.64 10.40
C GLU A 16 -23.50 -14.59 11.35
N LYS A 17 -22.25 -14.81 11.76
CA LYS A 17 -21.57 -13.89 12.68
C LYS A 17 -20.96 -12.70 11.95
N ILE A 18 -21.39 -12.49 10.70
CA ILE A 18 -20.89 -11.39 9.90
C ILE A 18 -22.06 -10.55 9.36
N THR A 19 -22.06 -9.27 9.69
CA THR A 19 -23.13 -8.38 9.22
C THR A 19 -22.58 -7.20 8.43
N MET A 20 -22.88 -7.18 7.14
CA MET A 20 -22.42 -6.12 6.25
C MET A 20 -23.24 -4.85 6.44
N SER A 21 -22.56 -3.71 6.45
CA SER A 21 -23.22 -2.43 6.64
C SER A 21 -23.36 -1.66 5.34
N ARG A 22 -22.25 -1.13 4.83
CA ARG A 22 -22.29 -0.37 3.58
C ARG A 22 -21.24 -0.88 2.59
N GLU A 23 -21.01 -0.13 1.51
CA GLU A 23 -20.04 -0.53 0.50
C GLU A 23 -18.82 0.38 0.47
N LEU A 24 -17.66 -0.22 0.31
CA LEU A 24 -16.41 0.54 0.23
C LEU A 24 -15.99 0.67 -1.23
N GLY A 25 -16.21 -0.39 -2.00
CA GLY A 25 -15.84 -0.34 -3.40
C GLY A 25 -16.15 -1.61 -4.18
N GLN A 26 -15.83 -1.58 -5.46
CA GLN A 26 -16.06 -2.71 -6.35
C GLN A 26 -14.80 -3.55 -6.55
N GLY A 27 -14.80 -4.75 -5.98
CA GLY A 27 -13.64 -5.62 -6.10
C GLY A 27 -13.61 -6.32 -7.44
N SER A 28 -12.53 -7.06 -7.70
CA SER A 28 -12.36 -7.78 -8.96
C SER A 28 -13.34 -8.96 -9.00
N PHE A 29 -13.35 -9.73 -7.92
CA PHE A 29 -14.23 -10.89 -7.81
C PHE A 29 -15.59 -10.51 -7.25
N GLY A 30 -15.73 -9.26 -6.84
CA GLY A 30 -17.01 -8.83 -6.29
C GLY A 30 -16.93 -7.61 -5.39
N MET A 31 -18.08 -6.98 -5.20
CA MET A 31 -18.20 -5.78 -4.38
C MET A 31 -17.55 -5.96 -3.01
N VAL A 32 -16.94 -4.90 -2.50
CA VAL A 32 -16.30 -4.94 -1.18
C VAL A 32 -17.13 -4.09 -0.21
N TYR A 33 -17.53 -4.72 0.89
CA TYR A 33 -18.34 -4.04 1.89
C TYR A 33 -17.57 -3.71 3.16
N GLU A 34 -18.29 -3.17 4.14
CA GLU A 34 -17.73 -2.80 5.43
C GLU A 34 -18.74 -3.20 6.49
N GLY A 35 -18.30 -3.91 7.52
CA GLY A 35 -19.22 -4.33 8.57
C GLY A 35 -18.55 -4.67 9.89
N VAL A 36 -19.14 -5.64 10.59
CA VAL A 36 -18.62 -6.09 11.88
C VAL A 36 -18.69 -7.61 11.95
N ALA A 37 -17.76 -8.20 12.70
CA ALA A 37 -17.72 -9.64 12.86
C ALA A 37 -17.77 -10.01 14.33
N LYS A 38 -18.41 -11.13 14.64
CA LYS A 38 -18.54 -11.59 16.02
C LYS A 38 -17.44 -12.60 16.35
N GLY A 39 -16.59 -12.23 17.31
CA GLY A 39 -15.51 -13.10 17.72
C GLY A 39 -14.57 -13.56 16.63
N VAL A 40 -13.81 -12.61 16.08
CA VAL A 40 -12.85 -12.92 15.01
C VAL A 40 -11.43 -12.62 15.46
N VAL A 41 -11.32 -11.94 16.60
CA VAL A 41 -10.01 -11.59 17.15
C VAL A 41 -9.92 -12.01 18.60
N LYS A 42 -8.79 -12.59 18.98
CA LYS A 42 -8.57 -13.05 20.35
C LYS A 42 -8.95 -11.97 21.38
N ASP A 43 -9.70 -12.37 22.39
CA ASP A 43 -10.12 -11.47 23.46
C ASP A 43 -10.91 -10.27 22.94
N GLU A 44 -11.74 -10.50 21.92
CA GLU A 44 -12.57 -9.45 21.34
C GLU A 44 -13.96 -9.96 20.92
N PRO A 45 -15.02 -9.27 21.38
CA PRO A 45 -16.40 -9.63 21.06
C PRO A 45 -16.80 -9.27 19.62
N GLU A 46 -16.65 -8.00 19.27
CA GLU A 46 -16.97 -7.52 17.94
C GLU A 46 -15.73 -6.87 17.32
N THR A 47 -15.68 -6.82 15.99
CA THR A 47 -14.54 -6.22 15.31
C THR A 47 -14.89 -5.61 13.96
N ARG A 48 -14.62 -4.31 13.81
CA ARG A 48 -14.90 -3.64 12.54
C ARG A 48 -14.00 -4.27 11.50
N VAL A 49 -14.57 -4.67 10.37
CA VAL A 49 -13.79 -5.31 9.34
C VAL A 49 -14.22 -4.95 7.92
N ALA A 50 -13.40 -5.34 6.96
CA ALA A 50 -13.68 -5.09 5.55
C ALA A 50 -14.08 -6.44 4.95
N ILE A 51 -15.27 -6.48 4.37
CA ILE A 51 -15.80 -7.70 3.77
C ILE A 51 -15.51 -7.76 2.27
N LYS A 52 -14.85 -8.83 1.84
CA LYS A 52 -14.50 -9.02 0.43
C LYS A 52 -15.40 -10.15 -0.11
N THR A 53 -16.16 -9.85 -1.16
CA THR A 53 -17.09 -10.83 -1.72
C THR A 53 -16.77 -11.32 -3.14
N VAL A 54 -17.54 -12.31 -3.58
CA VAL A 54 -17.40 -12.90 -4.90
C VAL A 54 -18.78 -12.96 -5.56
N ASN A 55 -18.97 -12.15 -6.61
CA ASN A 55 -20.24 -12.10 -7.32
C ASN A 55 -20.65 -13.50 -7.78
N GLU A 56 -21.91 -13.86 -7.52
CA GLU A 56 -22.43 -15.16 -7.90
C GLU A 56 -22.26 -15.45 -9.39
N ALA A 57 -22.06 -14.40 -10.18
CA ALA A 57 -21.88 -14.54 -11.61
C ALA A 57 -20.44 -14.96 -11.92
N ALA A 58 -19.89 -15.83 -11.06
CA ALA A 58 -18.53 -16.32 -11.23
C ALA A 58 -18.46 -17.82 -10.95
N SER A 59 -17.90 -18.56 -11.89
CA SER A 59 -17.76 -20.00 -11.76
C SER A 59 -16.72 -20.36 -10.70
N MET A 60 -16.44 -21.65 -10.57
CA MET A 60 -15.47 -22.14 -9.61
C MET A 60 -14.06 -21.81 -10.08
N ARG A 61 -13.90 -21.72 -11.40
CA ARG A 61 -12.60 -21.40 -12.01
C ARG A 61 -12.15 -20.05 -11.47
N GLU A 62 -13.13 -19.23 -11.08
CA GLU A 62 -12.86 -17.90 -10.54
C GLU A 62 -12.95 -17.94 -9.03
N ARG A 63 -13.95 -18.65 -8.50
CA ARG A 63 -14.14 -18.75 -7.06
C ARG A 63 -12.91 -19.35 -6.38
N ILE A 64 -12.42 -20.47 -6.92
CA ILE A 64 -11.26 -21.13 -6.34
C ILE A 64 -10.05 -20.20 -6.37
N GLU A 65 -9.91 -19.43 -7.44
CA GLU A 65 -8.80 -18.49 -7.60
C GLU A 65 -8.84 -17.47 -6.45
N PHE A 66 -10.05 -17.07 -6.09
CA PHE A 66 -10.27 -16.10 -5.02
C PHE A 66 -9.66 -16.60 -3.71
N LEU A 67 -9.97 -17.84 -3.33
CA LEU A 67 -9.45 -18.41 -2.10
C LEU A 67 -7.99 -18.82 -2.25
N ASN A 68 -7.47 -18.76 -3.46
CA ASN A 68 -6.08 -19.11 -3.69
C ASN A 68 -5.19 -17.95 -3.23
N GLU A 69 -5.53 -16.74 -3.66
CA GLU A 69 -4.75 -15.57 -3.29
C GLU A 69 -4.97 -15.21 -1.82
N ALA A 70 -6.14 -15.56 -1.29
CA ALA A 70 -6.48 -15.28 0.10
C ALA A 70 -5.67 -16.16 1.06
N SER A 71 -5.32 -17.36 0.61
CA SER A 71 -4.55 -18.27 1.44
C SER A 71 -3.11 -17.77 1.56
N VAL A 72 -2.76 -16.85 0.68
CA VAL A 72 -1.43 -16.25 0.68
C VAL A 72 -1.28 -15.42 1.94
N MET A 73 -2.34 -14.68 2.28
CA MET A 73 -2.34 -13.83 3.47
C MET A 73 -2.35 -14.64 4.75
N LYS A 74 -2.81 -15.90 4.65
CA LYS A 74 -2.89 -16.78 5.81
C LYS A 74 -1.53 -16.95 6.49
N GLU A 75 -0.46 -16.68 5.75
CA GLU A 75 0.90 -16.80 6.29
C GLU A 75 1.44 -15.47 6.82
N PHE A 76 0.76 -14.38 6.51
CA PHE A 76 1.21 -13.06 6.95
C PHE A 76 0.71 -12.68 8.33
N ASN A 77 1.60 -12.09 9.11
CA ASN A 77 1.27 -11.65 10.46
C ASN A 77 2.26 -10.55 10.84
N CYS A 78 1.95 -9.33 10.42
CA CYS A 78 2.82 -8.18 10.68
C CYS A 78 1.96 -6.98 11.06
N HIS A 79 2.43 -6.20 12.03
CA HIS A 79 1.71 -5.03 12.48
C HIS A 79 1.54 -4.03 11.34
N HIS A 80 2.48 -4.03 10.41
CA HIS A 80 2.46 -3.09 9.30
C HIS A 80 1.93 -3.60 7.96
N VAL A 81 1.11 -4.65 8.02
CA VAL A 81 0.48 -5.21 6.83
C VAL A 81 -0.95 -5.50 7.24
N VAL A 82 -1.92 -5.04 6.45
CA VAL A 82 -3.33 -5.28 6.74
C VAL A 82 -3.52 -6.78 6.92
N ARG A 83 -4.01 -7.18 8.10
CA ARG A 83 -4.18 -8.60 8.44
C ARG A 83 -5.49 -9.26 8.04
N LEU A 84 -5.40 -10.54 7.68
CA LEU A 84 -6.56 -11.34 7.30
C LEU A 84 -7.24 -11.85 8.57
N LEU A 85 -8.57 -11.93 8.53
CA LEU A 85 -9.34 -12.41 9.67
C LEU A 85 -10.40 -13.40 9.21
N GLY A 86 -10.02 -14.67 9.12
CA GLY A 86 -10.95 -15.69 8.70
C GLY A 86 -11.45 -15.57 7.26
N VAL A 87 -12.31 -16.50 6.87
CA VAL A 87 -12.87 -16.53 5.52
C VAL A 87 -14.21 -17.27 5.48
N VAL A 88 -15.05 -16.89 4.53
CA VAL A 88 -16.35 -17.52 4.35
C VAL A 88 -16.44 -18.09 2.93
N SER A 89 -17.12 -19.22 2.79
CA SER A 89 -17.26 -19.86 1.48
C SER A 89 -18.21 -21.05 1.52
N GLN A 90 -19.24 -20.97 2.35
CA GLN A 90 -20.21 -22.06 2.48
C GLN A 90 -21.65 -21.59 2.43
N GLY A 91 -22.49 -22.33 1.69
CA GLY A 91 -23.90 -22.00 1.59
C GLY A 91 -24.23 -20.54 1.38
N GLN A 92 -23.28 -19.79 0.82
CA GLN A 92 -23.46 -18.36 0.55
C GLN A 92 -22.32 -17.86 -0.33
N PRO A 93 -22.35 -16.58 -0.73
CA PRO A 93 -21.28 -16.04 -1.57
C PRO A 93 -19.95 -16.05 -0.83
N THR A 94 -18.89 -16.45 -1.52
CA THR A 94 -17.56 -16.51 -0.91
C THR A 94 -17.17 -15.15 -0.36
N LEU A 95 -16.75 -15.14 0.90
CA LEU A 95 -16.35 -13.90 1.58
C LEU A 95 -15.02 -14.08 2.27
N VAL A 96 -14.34 -12.96 2.49
CA VAL A 96 -13.06 -12.94 3.18
C VAL A 96 -13.11 -11.72 4.07
N ILE A 97 -12.67 -11.88 5.32
CA ILE A 97 -12.68 -10.79 6.28
C ILE A 97 -11.27 -10.30 6.59
N MET A 98 -11.12 -9.01 6.82
CA MET A 98 -9.82 -8.43 7.12
C MET A 98 -9.93 -7.24 8.06
N GLU A 99 -8.78 -6.90 8.66
CA GLU A 99 -8.69 -5.76 9.55
C GLU A 99 -9.17 -4.55 8.75
N LEU A 100 -9.97 -3.70 9.36
CA LEU A 100 -10.50 -2.52 8.68
C LEU A 100 -9.62 -1.31 9.01
N MET A 101 -9.24 -0.56 7.98
CA MET A 101 -8.42 0.63 8.15
C MET A 101 -9.34 1.82 8.04
N THR A 102 -9.81 2.29 9.19
CA THR A 102 -10.77 3.37 9.27
C THR A 102 -10.46 4.69 8.58
N ARG A 103 -9.18 5.00 8.34
CA ARG A 103 -8.89 6.27 7.65
C ARG A 103 -8.67 6.12 6.16
N GLY A 104 -8.90 4.91 5.63
CA GLY A 104 -8.76 4.69 4.21
C GLY A 104 -7.34 4.60 3.69
N ASP A 105 -7.18 4.68 2.37
CA ASP A 105 -5.86 4.59 1.76
C ASP A 105 -5.06 5.88 1.94
N LEU A 106 -3.74 5.76 1.94
CA LEU A 106 -2.86 6.90 2.15
C LEU A 106 -2.96 8.04 1.13
N LYS A 107 -3.23 7.74 -0.13
CA LYS A 107 -3.34 8.81 -1.13
C LYS A 107 -4.55 9.70 -0.81
N SER A 108 -5.69 9.08 -0.54
CA SER A 108 -6.89 9.84 -0.21
C SER A 108 -6.67 10.67 1.06
N TYR A 109 -6.02 10.07 2.04
CA TYR A 109 -5.72 10.74 3.30
C TYR A 109 -4.83 11.97 3.05
N LEU A 110 -3.76 11.78 2.29
CA LEU A 110 -2.87 12.89 1.98
C LEU A 110 -3.65 14.00 1.25
N ARG A 111 -4.47 13.59 0.28
CA ARG A 111 -5.28 14.52 -0.49
C ARG A 111 -6.27 15.30 0.37
N SER A 112 -6.85 14.65 1.37
CA SER A 112 -7.83 15.30 2.25
C SER A 112 -7.21 16.33 3.18
N LEU A 113 -5.88 16.34 3.27
CA LEU A 113 -5.21 17.30 4.13
C LEU A 113 -4.99 18.62 3.40
N ARG A 114 -5.04 18.56 2.07
CA ARG A 114 -4.82 19.74 1.23
C ARG A 114 -5.69 20.96 1.53
N PRO A 115 -7.03 20.79 1.58
CA PRO A 115 -7.90 21.94 1.86
C PRO A 115 -7.54 22.63 3.18
N GLU A 116 -7.32 21.83 4.22
CA GLU A 116 -6.95 22.39 5.52
C GLU A 116 -5.69 23.23 5.35
N MET A 117 -4.63 22.62 4.82
CA MET A 117 -3.37 23.31 4.62
C MET A 117 -3.48 24.56 3.75
N GLU A 118 -4.60 24.71 3.06
CA GLU A 118 -4.80 25.87 2.21
C GLU A 118 -5.18 27.11 3.03
N ASN A 119 -6.21 26.98 3.85
CA ASN A 119 -6.64 28.10 4.69
C ASN A 119 -6.26 27.91 6.15
N ASN A 120 -5.06 27.38 6.36
CA ASN A 120 -4.55 27.15 7.71
C ASN A 120 -3.41 28.12 7.93
N PRO A 121 -3.54 28.98 8.96
CA PRO A 121 -2.54 29.98 9.33
C PRO A 121 -1.25 29.42 9.90
N VAL A 122 -0.64 28.46 9.20
CA VAL A 122 0.60 27.85 9.66
C VAL A 122 1.71 27.89 8.63
N LEU A 123 2.51 28.96 8.66
CA LEU A 123 3.62 29.11 7.74
C LEU A 123 4.91 28.62 8.38
N ALA A 124 4.94 27.32 8.67
CA ALA A 124 6.10 26.68 9.26
C ALA A 124 6.41 25.41 8.46
N PRO A 125 7.69 25.04 8.34
CA PRO A 125 8.02 23.84 7.57
C PRO A 125 7.27 22.60 8.09
N PRO A 126 7.05 21.62 7.21
CA PRO A 126 6.34 20.39 7.58
C PRO A 126 7.13 19.55 8.58
N SER A 127 6.43 18.64 9.25
CA SER A 127 7.07 17.77 10.25
C SER A 127 7.81 16.57 9.65
N LEU A 128 9.13 16.65 9.69
CA LEU A 128 10.00 15.59 9.18
C LEU A 128 9.74 14.35 10.03
N SER A 129 9.44 14.60 11.31
CA SER A 129 9.17 13.55 12.28
C SER A 129 8.01 12.65 11.89
N LYS A 130 6.91 13.26 11.47
CA LYS A 130 5.73 12.51 11.06
C LYS A 130 6.00 11.69 9.80
N MET A 131 6.68 12.30 8.84
CA MET A 131 6.98 11.65 7.57
C MET A 131 7.90 10.46 7.77
N ILE A 132 8.79 10.53 8.74
CA ILE A 132 9.70 9.43 9.02
C ILE A 132 8.94 8.25 9.62
N GLN A 133 7.93 8.55 10.45
CA GLN A 133 7.17 7.48 11.08
C GLN A 133 6.49 6.65 10.00
N MET A 134 5.82 7.33 9.06
CA MET A 134 5.14 6.63 7.97
C MET A 134 6.18 5.87 7.14
N ALA A 135 7.27 6.54 6.81
CA ALA A 135 8.31 5.92 5.99
C ALA A 135 8.77 4.60 6.58
N GLY A 136 9.07 4.62 7.87
CA GLY A 136 9.52 3.41 8.55
C GLY A 136 8.46 2.33 8.66
N GLU A 137 7.21 2.72 8.88
CA GLU A 137 6.13 1.74 8.98
C GLU A 137 5.94 1.10 7.61
N ILE A 138 5.94 1.94 6.57
CA ILE A 138 5.79 1.43 5.21
C ILE A 138 6.99 0.53 4.86
N ALA A 139 8.20 0.99 5.20
CA ALA A 139 9.40 0.19 4.92
C ALA A 139 9.45 -1.10 5.77
N ASP A 140 8.87 -1.07 6.97
CA ASP A 140 8.87 -2.25 7.83
C ASP A 140 7.88 -3.29 7.31
N GLY A 141 6.73 -2.85 6.83
CA GLY A 141 5.76 -3.79 6.29
C GLY A 141 6.27 -4.41 5.00
N MET A 142 7.00 -3.62 4.22
CA MET A 142 7.59 -4.09 2.96
C MET A 142 8.76 -5.03 3.20
N ALA A 143 9.53 -4.78 4.27
CA ALA A 143 10.66 -5.63 4.63
C ALA A 143 10.12 -7.01 5.02
N TYR A 144 9.01 -7.00 5.75
CA TYR A 144 8.35 -8.22 6.17
C TYR A 144 7.89 -9.01 4.95
N LEU A 145 7.19 -8.34 4.04
CA LEU A 145 6.70 -9.00 2.83
C LEU A 145 7.84 -9.57 1.98
N ASN A 146 8.87 -8.77 1.75
CA ASN A 146 10.01 -9.23 0.97
C ASN A 146 10.69 -10.42 1.68
N ALA A 147 10.72 -10.40 3.00
CA ALA A 147 11.34 -11.48 3.76
C ALA A 147 10.62 -12.81 3.47
N ASN A 148 9.30 -12.72 3.28
CA ASN A 148 8.49 -13.89 2.98
C ASN A 148 8.42 -14.14 1.47
N LYS A 149 9.45 -13.70 0.76
CA LYS A 149 9.55 -13.91 -0.69
C LYS A 149 8.36 -13.37 -1.46
N PHE A 150 7.78 -12.27 -0.98
CA PHE A 150 6.63 -11.66 -1.64
C PHE A 150 6.97 -10.28 -2.20
N VAL A 151 6.81 -10.12 -3.51
CA VAL A 151 7.07 -8.85 -4.18
C VAL A 151 5.70 -8.20 -4.36
N HIS A 152 5.56 -6.95 -3.94
CA HIS A 152 4.26 -6.27 -4.06
C HIS A 152 3.85 -5.96 -5.50
N ARG A 153 4.72 -5.30 -6.25
CA ARG A 153 4.45 -4.94 -7.66
C ARG A 153 3.59 -3.69 -7.87
N ASP A 154 2.96 -3.18 -6.82
CA ASP A 154 2.16 -1.98 -6.97
C ASP A 154 2.24 -1.14 -5.72
N LEU A 155 3.45 -0.98 -5.21
CA LEU A 155 3.63 -0.14 -4.01
C LEU A 155 3.39 1.32 -4.43
N ALA A 156 2.45 1.97 -3.75
CA ALA A 156 2.08 3.34 -4.02
C ALA A 156 1.23 3.81 -2.85
N ALA A 157 1.15 5.12 -2.63
CA ALA A 157 0.35 5.63 -1.52
C ALA A 157 -1.10 5.10 -1.57
N ARG A 158 -1.68 4.98 -2.77
CA ARG A 158 -3.06 4.49 -2.90
C ARG A 158 -3.22 3.05 -2.39
N ASN A 159 -2.12 2.32 -2.27
CA ASN A 159 -2.20 0.95 -1.78
C ASN A 159 -1.74 0.79 -0.33
N CYS A 160 -1.45 1.91 0.33
CA CYS A 160 -1.06 1.89 1.73
C CYS A 160 -2.34 2.32 2.46
N MET A 161 -2.56 1.79 3.66
CA MET A 161 -3.78 2.12 4.41
C MET A 161 -3.51 2.83 5.73
N VAL A 162 -4.43 3.69 6.14
CA VAL A 162 -4.26 4.42 7.40
C VAL A 162 -5.23 3.94 8.48
N ALA A 163 -4.68 3.59 9.64
CA ALA A 163 -5.48 3.11 10.75
C ALA A 163 -6.05 4.27 11.56
N GLU A 164 -7.00 3.95 12.44
CA GLU A 164 -7.62 4.96 13.28
C GLU A 164 -6.56 5.78 14.02
N ASP A 165 -5.55 5.08 14.54
CA ASP A 165 -4.47 5.71 15.29
C ASP A 165 -3.38 6.32 14.41
N PHE A 166 -3.63 6.39 13.11
CA PHE A 166 -2.71 6.97 12.14
C PHE A 166 -1.55 6.08 11.71
N THR A 167 -1.57 4.82 12.12
CA THR A 167 -0.53 3.90 11.73
C THR A 167 -0.75 3.52 10.26
N VAL A 168 0.33 3.42 9.49
CA VAL A 168 0.22 3.07 8.09
C VAL A 168 0.57 1.61 7.86
N LYS A 169 -0.28 0.91 7.11
CA LYS A 169 -0.05 -0.50 6.82
C LYS A 169 -0.10 -0.80 5.33
N ILE A 170 0.70 -1.79 4.92
CA ILE A 170 0.73 -2.20 3.53
C ILE A 170 -0.49 -3.03 3.17
N GLY A 171 -1.19 -2.60 2.13
CA GLY A 171 -2.36 -3.31 1.67
C GLY A 171 -2.40 -3.31 0.15
N ASP A 172 -3.61 -3.24 -0.37
CA ASP A 172 -3.83 -3.21 -1.80
C ASP A 172 -5.30 -2.90 -1.96
N PHE A 173 -5.59 -1.63 -2.25
CA PHE A 173 -6.95 -1.12 -2.39
C PHE A 173 -7.83 -2.04 -3.22
N GLY A 174 -7.30 -2.51 -4.35
CA GLY A 174 -8.03 -3.42 -5.23
C GLY A 174 -9.52 -3.23 -5.45
N MET A 175 -9.97 -1.99 -5.56
CA MET A 175 -11.38 -1.73 -5.80
C MET A 175 -11.54 -0.71 -6.91
N THR A 176 -12.73 -0.69 -7.51
CA THR A 176 -13.05 0.21 -8.62
C THR A 176 -12.12 1.42 -8.71
N ARG A 177 -12.34 2.42 -7.87
CA ARG A 177 -11.50 3.62 -7.87
C ARG A 177 -11.40 4.25 -9.25
N ASP A 178 -12.30 5.16 -9.56
CA ASP A 178 -12.29 5.84 -10.85
C ASP A 178 -11.37 7.05 -10.77
N ILE A 179 -11.09 7.48 -9.55
CA ILE A 179 -10.25 8.63 -9.32
C ILE A 179 -8.77 8.35 -9.55
N TYR A 180 -8.37 7.08 -9.50
CA TYR A 180 -6.96 6.73 -9.71
C TYR A 180 -6.74 5.90 -10.98
N GLU A 181 -7.73 5.86 -11.85
CA GLU A 181 -7.60 5.08 -13.08
C GLU A 181 -6.43 5.56 -13.93
N THR A 182 -6.18 6.87 -13.94
CA THR A 182 -5.08 7.40 -14.73
C THR A 182 -3.70 7.11 -14.13
N ASP A 183 -3.68 6.43 -12.98
CA ASP A 183 -2.43 6.06 -12.32
C ASP A 183 -1.89 4.81 -13.01
N TYR A 184 -2.68 4.24 -13.91
CA TYR A 184 -2.28 3.06 -14.66
C TYR A 184 -2.25 3.36 -16.17
N TYR A 185 -1.45 2.60 -16.89
CA TYR A 185 -1.32 2.79 -18.32
C TYR A 185 -1.00 1.46 -18.98
N ARG A 186 -1.55 1.23 -20.17
CA ARG A 186 -1.27 -0.01 -20.89
C ARG A 186 -0.01 0.24 -21.69
N LYS A 187 1.13 -0.03 -21.06
CA LYS A 187 2.44 0.15 -21.68
C LYS A 187 2.49 -0.60 -23.01
N GLY A 188 1.89 -1.79 -23.04
CA GLY A 188 1.86 -2.59 -24.24
C GLY A 188 0.53 -3.31 -24.39
N GLY A 189 -0.54 -2.65 -23.97
CA GLY A 189 -1.86 -3.26 -24.04
C GLY A 189 -2.04 -4.29 -22.93
N LYS A 190 -1.20 -5.32 -22.97
CA LYS A 190 -1.25 -6.39 -21.98
C LYS A 190 -1.31 -5.94 -20.52
N GLY A 191 -2.47 -5.43 -20.12
CA GLY A 191 -2.64 -5.02 -18.74
C GLY A 191 -2.27 -3.60 -18.35
N LEU A 192 -2.96 -3.13 -17.33
CA LEU A 192 -2.75 -1.79 -16.80
C LEU A 192 -1.55 -1.85 -15.88
N LEU A 193 -0.61 -0.94 -16.08
CA LEU A 193 0.60 -0.90 -15.26
C LEU A 193 0.80 0.51 -14.68
N PRO A 194 1.29 0.61 -13.44
CA PRO A 194 1.53 1.90 -12.77
C PRO A 194 2.87 2.48 -13.19
N VAL A 195 2.96 2.87 -14.46
CA VAL A 195 4.20 3.40 -15.05
C VAL A 195 4.94 4.54 -14.33
N ARG A 196 4.23 5.44 -13.65
CA ARG A 196 4.90 6.54 -12.93
C ARG A 196 5.50 6.07 -11.59
N TRP A 197 5.30 4.80 -11.24
CA TRP A 197 5.85 4.24 -9.99
C TRP A 197 6.88 3.17 -10.26
N MET A 198 7.03 2.81 -11.53
CA MET A 198 7.95 1.76 -11.94
C MET A 198 9.39 2.17 -12.22
N SER A 199 10.31 1.26 -11.89
CA SER A 199 11.72 1.48 -12.11
C SER A 199 12.08 1.37 -13.58
N PRO A 200 13.27 1.87 -13.95
CA PRO A 200 13.70 1.80 -15.34
C PRO A 200 13.62 0.35 -15.87
N GLU A 201 14.21 -0.58 -15.13
CA GLU A 201 14.22 -1.98 -15.55
C GLU A 201 12.85 -2.61 -15.69
N SER A 202 11.90 -2.23 -14.82
CA SER A 202 10.54 -2.77 -14.94
C SER A 202 9.83 -2.14 -16.13
N LEU A 203 10.14 -0.89 -16.44
CA LEU A 203 9.49 -0.26 -17.58
C LEU A 203 9.93 -0.94 -18.87
N LYS A 204 11.08 -1.59 -18.83
CA LYS A 204 11.59 -2.29 -20.00
C LYS A 204 11.08 -3.71 -20.18
N ASP A 205 11.42 -4.59 -19.24
CA ASP A 205 11.02 -5.98 -19.36
C ASP A 205 9.73 -6.37 -18.66
N GLY A 206 9.15 -5.45 -17.91
CA GLY A 206 7.91 -5.72 -17.22
C GLY A 206 8.05 -6.68 -16.04
N VAL A 207 9.26 -6.79 -15.52
CA VAL A 207 9.55 -7.67 -14.39
C VAL A 207 9.64 -6.86 -13.09
N PHE A 208 9.08 -7.40 -12.00
CA PHE A 208 9.12 -6.72 -10.71
C PHE A 208 9.97 -7.54 -9.75
N THR A 209 10.77 -6.85 -8.95
CA THR A 209 11.66 -7.52 -7.99
C THR A 209 11.60 -6.71 -6.73
N THR A 210 12.40 -7.08 -5.74
CA THR A 210 12.42 -6.33 -4.49
C THR A 210 13.18 -5.04 -4.75
N TYR A 211 14.05 -5.05 -5.74
CA TYR A 211 14.82 -3.86 -6.10
C TYR A 211 13.88 -2.79 -6.64
N SER A 212 12.88 -3.24 -7.40
CA SER A 212 11.93 -2.30 -7.98
C SER A 212 10.90 -1.83 -6.94
N ASP A 213 10.64 -2.66 -5.94
CA ASP A 213 9.69 -2.27 -4.88
C ASP A 213 10.34 -1.10 -4.13
N VAL A 214 11.66 -1.14 -4.03
CA VAL A 214 12.40 -0.09 -3.35
C VAL A 214 12.33 1.21 -4.15
N TRP A 215 12.44 1.11 -5.47
CA TRP A 215 12.35 2.28 -6.33
C TRP A 215 10.96 2.90 -6.11
N SER A 216 9.93 2.07 -6.08
CA SER A 216 8.56 2.56 -5.86
C SER A 216 8.45 3.21 -4.49
N PHE A 217 9.16 2.66 -3.51
CA PHE A 217 9.16 3.20 -2.15
C PHE A 217 9.61 4.65 -2.21
N GLY A 218 10.65 4.90 -3.00
CA GLY A 218 11.15 6.26 -3.14
C GLY A 218 10.07 7.17 -3.71
N VAL A 219 9.24 6.65 -4.60
CA VAL A 219 8.17 7.45 -5.18
C VAL A 219 7.06 7.72 -4.14
N VAL A 220 6.80 6.75 -3.26
CA VAL A 220 5.77 6.97 -2.22
C VAL A 220 6.22 8.10 -1.28
N LEU A 221 7.52 8.17 -1.00
CA LEU A 221 8.06 9.22 -0.13
C LEU A 221 7.86 10.58 -0.82
N TRP A 222 7.97 10.56 -2.15
CA TRP A 222 7.77 11.78 -2.93
C TRP A 222 6.28 12.16 -2.85
N GLU A 223 5.41 11.16 -2.86
CA GLU A 223 3.96 11.38 -2.77
C GLU A 223 3.63 12.02 -1.43
N ILE A 224 4.24 11.51 -0.37
CA ILE A 224 3.97 12.04 0.96
C ILE A 224 4.38 13.51 1.05
N ALA A 225 5.55 13.83 0.51
CA ALA A 225 6.05 15.19 0.56
C ALA A 225 5.28 16.18 -0.32
N THR A 226 4.52 15.69 -1.29
CA THR A 226 3.75 16.57 -2.18
C THR A 226 2.26 16.48 -1.92
N LEU A 227 1.89 15.71 -0.90
CA LEU A 227 0.48 15.51 -0.56
C LEU A 227 -0.23 14.85 -1.73
N ALA A 228 0.44 13.85 -2.27
CA ALA A 228 -0.03 13.03 -3.38
C ALA A 228 -0.29 13.67 -4.74
N GLU A 229 0.65 14.48 -5.22
CA GLU A 229 0.53 15.04 -6.56
C GLU A 229 0.96 13.84 -7.40
N GLN A 230 0.52 13.77 -8.66
CA GLN A 230 0.92 12.67 -9.53
C GLN A 230 2.37 12.89 -9.98
N PRO A 231 3.20 11.84 -9.88
CA PRO A 231 4.62 11.93 -10.27
C PRO A 231 4.84 12.29 -11.74
N TYR A 232 5.86 13.11 -11.97
CA TYR A 232 6.27 13.55 -13.29
C TYR A 232 5.27 14.50 -13.93
N GLN A 233 5.03 15.62 -13.24
CA GLN A 233 4.12 16.65 -13.71
C GLN A 233 4.71 17.22 -15.00
N GLY A 234 3.86 17.40 -16.01
CA GLY A 234 4.32 17.94 -17.26
C GLY A 234 4.70 16.90 -18.30
N LEU A 235 4.66 15.63 -17.91
CA LEU A 235 5.00 14.56 -18.84
C LEU A 235 3.86 13.57 -19.00
N SER A 236 3.57 13.22 -20.25
CA SER A 236 2.54 12.23 -20.55
C SER A 236 3.13 10.85 -20.22
N ASN A 237 2.31 9.81 -20.29
CA ASN A 237 2.78 8.47 -19.99
C ASN A 237 3.97 8.04 -20.85
N GLU A 238 3.90 8.29 -22.15
CA GLU A 238 5.00 7.89 -23.03
C GLU A 238 6.25 8.72 -22.76
N GLN A 239 6.07 9.95 -22.31
CA GLN A 239 7.21 10.82 -22.00
C GLN A 239 7.87 10.36 -20.71
N VAL A 240 7.06 9.87 -19.78
CA VAL A 240 7.58 9.36 -18.53
C VAL A 240 8.47 8.17 -18.87
N LEU A 241 7.98 7.28 -19.72
CA LEU A 241 8.75 6.09 -20.12
C LEU A 241 10.15 6.43 -20.59
N ARG A 242 10.25 7.31 -21.58
CA ARG A 242 11.55 7.71 -22.11
C ARG A 242 12.44 8.37 -21.06
N PHE A 243 11.87 9.32 -20.35
CA PHE A 243 12.58 10.06 -19.32
C PHE A 243 13.20 9.16 -18.23
N VAL A 244 12.40 8.30 -17.63
CA VAL A 244 12.91 7.43 -16.58
C VAL A 244 13.91 6.39 -17.11
N MET A 245 13.58 5.75 -18.22
CA MET A 245 14.48 4.74 -18.81
C MET A 245 15.83 5.31 -19.23
N GLU A 246 15.91 6.62 -19.40
CA GLU A 246 17.17 7.26 -19.80
C GLU A 246 17.86 7.91 -18.61
N GLY A 247 17.41 7.59 -17.41
CA GLY A 247 18.03 8.16 -16.22
C GLY A 247 17.44 9.42 -15.59
N GLY A 248 16.29 9.87 -16.08
CA GLY A 248 15.69 11.06 -15.49
C GLY A 248 15.10 10.74 -14.13
N LEU A 249 15.06 11.73 -13.23
CA LEU A 249 14.52 11.54 -11.88
C LEU A 249 13.54 12.62 -11.43
N LEU A 250 12.67 12.27 -10.48
CA LEU A 250 11.70 13.24 -9.95
C LEU A 250 12.44 14.40 -9.30
N ASP A 251 11.86 15.58 -9.31
CA ASP A 251 12.48 16.75 -8.69
C ASP A 251 12.17 16.85 -7.20
N LYS A 252 13.08 17.48 -6.47
CA LYS A 252 12.95 17.70 -5.02
C LYS A 252 11.68 18.53 -4.78
N PRO A 253 10.71 17.96 -4.04
CA PRO A 253 9.46 18.67 -3.75
C PRO A 253 9.66 19.99 -2.99
N ASP A 254 8.75 20.93 -3.22
CA ASP A 254 8.81 22.21 -2.55
C ASP A 254 8.68 21.98 -1.04
N ASN A 255 9.56 22.62 -0.27
CA ASN A 255 9.55 22.47 1.18
C ASN A 255 9.75 21.04 1.64
N CYS A 256 10.63 20.31 0.97
CA CYS A 256 10.92 18.94 1.33
C CYS A 256 12.20 18.88 2.16
N PRO A 257 12.15 18.26 3.35
CA PRO A 257 13.35 18.16 4.19
C PRO A 257 14.45 17.46 3.41
N ASP A 258 15.61 18.10 3.31
CA ASP A 258 16.76 17.59 2.58
C ASP A 258 17.07 16.12 2.85
N MET A 259 16.82 15.68 4.08
CA MET A 259 17.09 14.31 4.46
C MET A 259 16.20 13.30 3.74
N LEU A 260 14.95 13.69 3.53
CA LEU A 260 13.97 12.84 2.86
C LEU A 260 14.29 12.64 1.38
N PHE A 261 14.74 13.71 0.74
CA PHE A 261 15.08 13.66 -0.67
C PHE A 261 16.31 12.81 -0.89
N GLU A 262 17.23 12.85 0.06
CA GLU A 262 18.46 12.07 -0.02
C GLU A 262 18.12 10.59 0.03
N LEU A 263 17.14 10.27 0.86
CA LEU A 263 16.67 8.90 1.01
C LEU A 263 16.09 8.49 -0.35
N MET A 264 15.22 9.34 -0.90
CA MET A 264 14.59 9.09 -2.18
C MET A 264 15.61 8.78 -3.27
N ARG A 265 16.62 9.65 -3.38
CA ARG A 265 17.67 9.50 -4.38
C ARG A 265 18.40 8.17 -4.25
N MET A 266 18.54 7.69 -3.02
CA MET A 266 19.21 6.42 -2.82
C MET A 266 18.35 5.31 -3.37
N CYS A 267 17.03 5.53 -3.38
CA CYS A 267 16.10 4.54 -3.89
C CYS A 267 16.03 4.58 -5.40
N TRP A 268 16.46 5.69 -5.99
CA TRP A 268 16.39 5.82 -7.44
C TRP A 268 17.68 5.65 -8.21
N GLN A 269 18.62 4.88 -7.67
CA GLN A 269 19.86 4.64 -8.41
C GLN A 269 19.49 3.75 -9.61
N TYR A 270 20.12 4.02 -10.75
CA TYR A 270 19.84 3.30 -11.98
C TYR A 270 20.07 1.80 -11.88
N ASN A 271 21.24 1.43 -11.36
CA ASN A 271 21.64 0.05 -11.18
C ASN A 271 20.73 -0.54 -10.10
N PRO A 272 19.82 -1.45 -10.48
CA PRO A 272 18.96 -1.98 -9.42
C PRO A 272 19.70 -2.58 -8.23
N LYS A 273 20.73 -3.38 -8.48
CA LYS A 273 21.49 -4.04 -7.41
C LYS A 273 22.16 -3.08 -6.44
N MET A 274 22.24 -1.81 -6.81
CA MET A 274 22.89 -0.83 -5.95
C MET A 274 21.95 -0.14 -4.98
N ARG A 275 20.65 -0.35 -5.15
CA ARG A 275 19.66 0.25 -4.26
C ARG A 275 19.68 -0.47 -2.91
N PRO A 276 19.42 0.26 -1.82
CA PRO A 276 19.41 -0.38 -0.51
C PRO A 276 18.13 -1.20 -0.37
N SER A 277 18.15 -2.18 0.53
CA SER A 277 16.98 -3.02 0.78
C SER A 277 16.14 -2.31 1.84
N PHE A 278 14.91 -2.77 2.06
CA PHE A 278 14.08 -2.15 3.07
C PHE A 278 14.69 -2.29 4.47
N LEU A 279 15.45 -3.34 4.71
CA LEU A 279 16.09 -3.52 6.01
C LEU A 279 17.15 -2.47 6.24
N GLU A 280 17.95 -2.19 5.21
CA GLU A 280 19.00 -1.19 5.30
C GLU A 280 18.36 0.19 5.48
N ILE A 281 17.22 0.38 4.83
CA ILE A 281 16.52 1.66 4.91
C ILE A 281 16.09 1.90 6.37
N ILE A 282 15.46 0.88 6.96
CA ILE A 282 15.02 0.97 8.35
C ILE A 282 16.20 1.20 9.29
N SER A 283 17.28 0.46 9.09
CA SER A 283 18.45 0.61 9.96
C SER A 283 19.00 2.03 9.99
N SER A 284 18.92 2.70 8.85
CA SER A 284 19.44 4.07 8.74
C SER A 284 18.52 5.15 9.29
N ILE A 285 17.31 4.78 9.70
CA ILE A 285 16.38 5.78 10.25
C ILE A 285 15.71 5.35 11.55
N LYS A 286 15.98 4.11 11.97
CA LYS A 286 15.38 3.55 13.19
C LYS A 286 15.50 4.43 14.43
N GLU A 287 16.56 5.23 14.50
CA GLU A 287 16.76 6.06 15.67
C GLU A 287 15.84 7.28 15.68
N GLU A 288 15.08 7.45 14.60
CA GLU A 288 14.15 8.56 14.48
C GLU A 288 12.72 8.05 14.62
N MET A 289 12.57 6.74 14.74
CA MET A 289 11.26 6.13 14.89
C MET A 289 10.72 6.29 16.31
N GLU A 290 9.40 6.32 16.44
CA GLU A 290 8.78 6.45 17.75
C GLU A 290 9.16 5.24 18.61
N PRO A 291 9.16 5.41 19.94
CA PRO A 291 9.48 4.33 20.88
C PRO A 291 8.72 3.04 20.62
N GLY A 292 7.42 3.17 20.36
CA GLY A 292 6.60 2.01 20.12
C GLY A 292 7.04 1.13 18.96
N PHE A 293 7.75 1.72 18.00
CA PHE A 293 8.21 0.97 16.84
C PHE A 293 8.90 -0.33 17.24
N ARG A 294 9.82 -0.25 18.20
CA ARG A 294 10.55 -1.44 18.66
C ARG A 294 9.62 -2.55 19.12
N GLU A 295 8.53 -2.18 19.79
CA GLU A 295 7.60 -3.16 20.32
C GLU A 295 6.85 -4.02 19.30
N VAL A 296 6.26 -3.40 18.29
CA VAL A 296 5.49 -4.16 17.31
C VAL A 296 6.03 -4.21 15.87
N SER A 297 7.33 -4.00 15.67
CA SER A 297 7.86 -4.02 14.32
C SER A 297 8.63 -5.28 13.94
N PHE A 298 8.51 -5.66 12.67
CA PHE A 298 9.20 -6.81 12.14
C PHE A 298 10.70 -6.64 12.34
N TYR A 299 11.19 -5.44 12.06
CA TYR A 299 12.62 -5.14 12.18
C TYR A 299 13.22 -5.60 13.51
N TYR A 300 12.59 -5.23 14.63
CA TYR A 300 13.11 -5.61 15.93
C TYR A 300 12.67 -7.00 16.40
N SER A 301 11.69 -7.58 15.72
CA SER A 301 11.19 -8.91 16.08
C SER A 301 12.30 -9.96 15.98
N GLU A 302 11.99 -11.18 16.41
CA GLU A 302 12.96 -12.27 16.36
C GLU A 302 13.11 -12.85 14.96
N1 MQY B . -6.72 -5.56 0.92
C2 MQY B . -5.54 -6.26 1.03
C3 MQY B . -6.86 -4.22 1.13
C4 MQY B . -7.92 -6.13 0.61
C5 MQY B . -4.99 -6.88 -0.14
C6 MQY B . -4.86 -6.40 2.28
N7 MQY B . -8.16 -3.87 0.95
O8 MQY B . -5.95 -3.44 1.43
C9 MQY B . -8.99 -5.02 0.59
O10 MQY B . -8.16 -7.32 0.36
C11 MQY B . -3.79 -7.60 -0.08
C12 MQY B . -3.64 -7.13 2.34
C13 MQY B . -8.72 -2.51 1.06
C14 MQY B . -9.61 -4.91 -0.81
C15 MQY B . -3.11 -7.73 1.16
C16 MQY B . -9.13 -2.06 2.47
S17 MQY B . -1.59 -8.63 1.22
C18 MQY B . -9.71 -0.73 2.67
C19 MQY B . -8.98 -2.89 3.62
C20 MQY B . -0.34 -7.43 0.73
O21 MQY B . -1.32 -9.01 2.57
O22 MQY B . -1.62 -9.65 0.20
C23 MQY B . -10.10 -0.30 4.01
C24 MQY B . -9.90 0.17 1.56
C25 MQY B . -9.38 -2.42 4.90
F26 MQY B . 0.83 -8.05 0.74
F27 MQY B . -0.34 -6.45 1.62
F28 MQY B . -0.63 -6.97 -0.47
N29 MQY B . -9.91 -1.18 5.08
C30 MQY B . -10.66 1.00 4.18
C31 MQY B . -10.46 1.47 1.78
C32 MQY B . -10.84 1.88 3.09
#